data_8A92
#
_entry.id   8A92
#
_cell.length_a   65.077
_cell.length_b   71.109
_cell.length_c   105.226
_cell.angle_alpha   90.000
_cell.angle_beta   90.000
_cell.angle_gamma   90.000
#
_symmetry.space_group_name_H-M   'P 21 21 21'
#
loop_
_entity.id
_entity.type
_entity.pdbx_description
1 polymer 'Cellular tumor antigen p53'
2 non-polymer 4-bromanyl-5-(trifluoromethyl)-1H-pyrazol-3-amine
3 non-polymer '4-(2-HYDROXYETHYL)-1-PIPERAZINE ETHANESULFONIC ACID'
4 non-polymer 'ZINC ION'
5 non-polymer DI(HYDROXYETHYL)ETHER
6 water water
#
_entity_poly.entity_id   1
_entity_poly.type   'polypeptide(L)'
_entity_poly.pdbx_seq_one_letter_code
;SSSVPSQKTYQGSYGFRLGFLHSGTAKSVTCTYSPALNKLFCQLAKTCPVQLWVDSTPPPGTRVRAMAIYKQSQHMTEVV
RRCPHHERCSDSDGLAPPQHLIRVEGNLRAEYLDDRNTFRHSVVVPCEPPEVGSDCTTIHYNYMCYSSCMGGMNRRPILT
IITLEDSSGNLLGRDSFEVRVCACPGRDRRTEEENLRKKGEPHHELPPGSTKRALPNNT
;
_entity_poly.pdbx_strand_id   A,B
#
# COMPACT_ATOMS: atom_id res chain seq x y z
N SER A 1 20.26 22.29 15.50
CA SER A 1 20.00 21.97 16.89
C SER A 1 20.03 20.48 17.24
N SER A 2 20.43 19.61 16.32
CA SER A 2 20.55 18.18 16.62
C SER A 2 21.88 17.64 16.15
N SER A 3 22.39 16.63 16.86
N SER A 3 22.37 16.62 16.86
CA SER A 3 23.62 15.96 16.44
CA SER A 3 23.59 15.92 16.45
C SER A 3 23.39 15.32 15.08
C SER A 3 23.39 15.28 15.08
N VAL A 4 24.48 15.16 14.33
CA VAL A 4 24.43 14.78 12.92
C VAL A 4 24.88 13.33 12.79
N PRO A 5 24.02 12.43 12.35
CA PRO A 5 24.43 11.02 12.18
C PRO A 5 25.43 10.89 11.05
N SER A 6 26.31 9.91 11.19
CA SER A 6 27.30 9.64 10.16
C SER A 6 26.63 9.18 8.87
N GLN A 7 27.17 9.63 7.75
CA GLN A 7 26.76 9.11 6.44
C GLN A 7 27.86 8.29 5.78
N LYS A 8 28.91 7.93 6.51
CA LYS A 8 30.05 7.26 5.90
CA LYS A 8 30.05 7.26 5.90
C LYS A 8 29.69 5.82 5.53
N THR A 9 29.96 5.45 4.27
CA THR A 9 29.71 4.09 3.84
C THR A 9 30.57 3.12 4.62
N TYR A 10 29.96 2.02 5.06
CA TYR A 10 30.63 1.05 5.92
C TYR A 10 30.00 -0.31 5.60
N GLN A 11 30.71 -1.16 4.86
CA GLN A 11 30.14 -2.46 4.53
C GLN A 11 30.08 -3.38 5.74
N GLY A 12 31.05 -3.28 6.66
CA GLY A 12 31.05 -4.10 7.87
C GLY A 12 31.32 -5.58 7.58
N SER A 13 31.11 -6.38 8.61
CA SER A 13 31.48 -7.80 8.59
CA SER A 13 31.53 -7.77 8.52
C SER A 13 30.66 -8.60 7.58
N TYR A 14 29.42 -8.17 7.31
CA TYR A 14 28.55 -8.91 6.42
C TYR A 14 28.61 -8.43 4.98
N GLY A 15 29.42 -7.41 4.66
CA GLY A 15 29.50 -6.91 3.30
C GLY A 15 28.21 -6.26 2.83
N PHE A 16 27.64 -5.40 3.68
CA PHE A 16 26.34 -4.80 3.42
C PHE A 16 26.44 -3.63 2.43
N ARG A 17 25.53 -3.61 1.46
CA ARG A 17 25.42 -2.47 0.55
C ARG A 17 24.03 -2.48 -0.10
N LEU A 18 23.62 -1.33 -0.62
CA LEU A 18 22.32 -1.22 -1.27
C LEU A 18 22.38 -1.58 -2.75
N GLY A 19 21.20 -1.82 -3.32
CA GLY A 19 21.07 -1.86 -4.77
C GLY A 19 19.73 -1.29 -5.18
N PHE A 20 19.64 -0.91 -6.45
CA PHE A 20 18.45 -0.26 -6.97
C PHE A 20 18.07 -0.88 -8.30
N LEU A 21 16.76 -0.96 -8.58
CA LEU A 21 16.30 -1.46 -9.86
C LEU A 21 16.72 -0.54 -10.99
N HIS A 22 16.65 -1.05 -12.21
CA HIS A 22 16.94 -0.26 -13.41
C HIS A 22 15.61 0.06 -14.08
N SER A 23 14.99 1.17 -13.66
N SER A 23 15.00 1.16 -13.66
CA SER A 23 13.64 1.51 -14.08
CA SER A 23 13.65 1.49 -14.09
C SER A 23 13.57 2.51 -15.22
C SER A 23 13.59 2.44 -15.28
N GLY A 24 14.69 3.09 -15.63
CA GLY A 24 14.69 3.99 -16.78
C GLY A 24 14.15 5.38 -16.46
N THR A 25 14.02 6.19 -17.51
CA THR A 25 13.69 7.60 -17.32
C THR A 25 12.49 8.04 -18.14
N ALA A 26 11.58 7.13 -18.46
CA ALA A 26 10.38 7.52 -19.17
C ALA A 26 9.56 8.48 -18.30
N LYS A 27 8.75 9.31 -18.98
CA LYS A 27 8.01 10.36 -18.28
C LYS A 27 7.06 9.78 -17.24
N SER A 28 6.61 8.53 -17.43
CA SER A 28 5.66 7.88 -16.55
C SER A 28 6.31 7.22 -15.34
N VAL A 29 7.63 7.10 -15.30
CA VAL A 29 8.29 6.33 -14.24
C VAL A 29 8.01 6.96 -12.87
N THR A 30 7.76 6.11 -11.88
CA THR A 30 7.42 6.62 -10.55
C THR A 30 8.62 6.70 -9.63
N CYS A 31 9.68 5.94 -9.91
CA CYS A 31 10.88 6.00 -9.10
C CYS A 31 12.02 5.51 -9.98
N THR A 32 13.13 6.24 -9.99
CA THR A 32 14.27 5.87 -10.81
C THR A 32 15.55 6.31 -10.12
N TYR A 33 16.59 5.49 -10.22
CA TYR A 33 17.84 5.71 -9.51
C TYR A 33 18.96 6.03 -10.51
N SER A 34 19.75 7.07 -10.22
CA SER A 34 20.90 7.44 -11.03
C SER A 34 22.17 6.98 -10.35
N PRO A 35 22.87 5.97 -10.89
CA PRO A 35 24.16 5.59 -10.28
C PRO A 35 25.19 6.71 -10.39
N ALA A 36 25.19 7.46 -11.49
CA ALA A 36 26.17 8.52 -11.66
C ALA A 36 26.03 9.60 -10.60
N LEU A 37 24.80 9.88 -10.15
CA LEU A 37 24.56 10.90 -9.14
C LEU A 37 24.41 10.33 -7.73
N ASN A 38 24.39 9.01 -7.60
CA ASN A 38 23.95 8.30 -6.38
C ASN A 38 22.69 8.92 -5.82
N LYS A 39 21.68 9.02 -6.68
CA LYS A 39 20.50 9.82 -6.36
C LYS A 39 19.23 9.13 -6.82
N LEU A 40 18.29 8.98 -5.90
CA LEU A 40 16.98 8.40 -6.20
C LEU A 40 16.01 9.55 -6.47
N PHE A 41 15.24 9.41 -7.55
CA PHE A 41 14.21 10.37 -7.94
C PHE A 41 12.87 9.65 -7.85
N CYS A 42 11.92 10.23 -7.10
CA CYS A 42 10.66 9.52 -6.94
C CYS A 42 9.50 10.49 -6.83
N GLN A 43 8.32 9.99 -7.17
CA GLN A 43 7.08 10.72 -7.01
C GLN A 43 6.62 10.63 -5.55
N LEU A 44 5.77 11.58 -5.17
CA LEU A 44 5.29 11.67 -3.79
C LEU A 44 4.54 10.41 -3.39
N ALA A 45 4.98 9.79 -2.30
CA ALA A 45 4.30 8.66 -1.67
C ALA A 45 4.24 7.40 -2.53
N LYS A 46 5.03 7.31 -3.59
CA LYS A 46 5.01 6.12 -4.42
C LYS A 46 6.07 5.13 -3.92
N THR A 47 5.92 3.87 -4.34
CA THR A 47 6.82 2.80 -3.90
C THR A 47 8.24 3.03 -4.42
N CYS A 48 9.21 2.99 -3.50
CA CYS A 48 10.65 3.10 -3.83
C CYS A 48 11.30 1.81 -3.39
N PRO A 49 11.55 0.86 -4.30
CA PRO A 49 12.20 -0.38 -3.89
C PRO A 49 13.70 -0.16 -3.69
N VAL A 50 14.22 -0.64 -2.57
CA VAL A 50 15.64 -0.56 -2.23
C VAL A 50 16.10 -1.96 -1.87
N GLN A 51 17.10 -2.48 -2.58
CA GLN A 51 17.59 -3.82 -2.32
C GLN A 51 18.66 -3.77 -1.25
N LEU A 52 18.71 -4.82 -0.43
CA LEU A 52 19.77 -5.02 0.54
C LEU A 52 20.63 -6.18 0.08
N TRP A 53 21.92 -5.95 -0.07
CA TRP A 53 22.83 -7.01 -0.49
C TRP A 53 23.85 -7.28 0.62
N VAL A 54 24.15 -8.56 0.87
CA VAL A 54 25.19 -8.93 1.83
C VAL A 54 26.01 -10.06 1.25
N ASP A 55 27.28 -10.13 1.68
CA ASP A 55 28.13 -11.28 1.31
C ASP A 55 27.88 -12.49 2.20
N SER A 56 27.43 -12.26 3.44
N SER A 56 27.43 -12.25 3.44
CA SER A 56 27.10 -13.36 4.34
CA SER A 56 27.14 -13.30 4.41
C SER A 56 25.87 -12.96 5.16
C SER A 56 25.84 -12.95 5.12
N THR A 57 25.08 -13.97 5.50
CA THR A 57 23.79 -13.75 6.14
C THR A 57 23.97 -13.27 7.58
N PRO A 58 23.38 -12.14 7.94
CA PRO A 58 23.47 -11.68 9.32
C PRO A 58 22.51 -12.45 10.21
N PRO A 59 22.68 -12.34 11.54
CA PRO A 59 21.94 -13.18 12.49
C PRO A 59 20.46 -12.82 12.52
N PRO A 60 19.61 -13.78 12.93
CA PRO A 60 18.20 -13.44 13.21
C PRO A 60 18.11 -12.32 14.23
N GLY A 61 17.21 -11.37 13.98
CA GLY A 61 17.09 -10.20 14.82
C GLY A 61 17.78 -8.98 14.27
N THR A 62 18.56 -9.14 13.22
CA THR A 62 19.13 -7.99 12.52
C THR A 62 18.00 -7.14 11.94
N ARG A 63 18.18 -5.82 11.95
CA ARG A 63 17.16 -4.89 11.47
C ARG A 63 17.79 -3.89 10.49
N VAL A 64 16.96 -3.18 9.74
CA VAL A 64 17.44 -2.18 8.80
C VAL A 64 16.66 -0.90 9.07
N ARG A 65 17.39 0.19 9.26
CA ARG A 65 16.81 1.49 9.63
C ARG A 65 17.06 2.50 8.50
N ALA A 66 16.09 3.37 8.26
CA ALA A 66 16.20 4.46 7.29
C ALA A 66 15.99 5.77 8.01
N MET A 67 16.83 6.74 7.70
CA MET A 67 16.78 8.09 8.27
C MET A 67 17.15 9.10 7.20
N ALA A 68 16.48 10.26 7.16
CA ALA A 68 16.86 11.33 6.25
C ALA A 68 17.66 12.39 6.99
N ILE A 69 18.67 12.96 6.30
CA ILE A 69 19.39 14.14 6.77
C ILE A 69 19.53 15.12 5.62
N TYR A 70 19.61 16.41 5.93
CA TYR A 70 19.92 17.39 4.88
C TYR A 70 21.36 17.21 4.40
N LYS A 71 21.55 17.31 3.08
CA LYS A 71 22.87 17.10 2.47
C LYS A 71 23.83 18.25 2.74
N GLN A 72 23.34 19.48 2.74
CA GLN A 72 24.21 20.65 2.78
C GLN A 72 24.64 20.94 4.22
N SER A 73 25.87 21.44 4.34
N SER A 73 25.87 21.46 4.35
CA SER A 73 26.49 21.65 5.65
CA SER A 73 26.46 21.61 5.69
C SER A 73 25.65 22.57 6.54
C SER A 73 25.70 22.60 6.56
N GLN A 74 25.12 23.65 5.97
CA GLN A 74 24.38 24.61 6.79
C GLN A 74 23.03 24.08 7.24
N HIS A 75 22.57 22.97 6.68
CA HIS A 75 21.27 22.42 7.05
C HIS A 75 21.33 21.08 7.75
N MET A 76 22.50 20.45 7.82
CA MET A 76 22.57 19.08 8.31
CA MET A 76 22.55 19.08 8.30
C MET A 76 22.15 18.94 9.77
N THR A 77 22.27 20.00 10.58
CA THR A 77 21.84 19.87 11.98
C THR A 77 20.33 20.01 12.17
N GLU A 78 19.57 20.35 11.13
CA GLU A 78 18.12 20.45 11.24
C GLU A 78 17.45 19.11 10.98
N VAL A 79 16.52 18.73 11.85
CA VAL A 79 15.75 17.50 11.65
C VAL A 79 14.95 17.59 10.36
N VAL A 80 15.05 16.56 9.51
CA VAL A 80 14.23 16.46 8.30
C VAL A 80 12.85 15.99 8.73
N ARG A 81 11.82 16.76 8.41
CA ARG A 81 10.47 16.39 8.76
C ARG A 81 9.51 16.79 7.65
N ARG A 82 8.28 16.29 7.73
CA ARG A 82 7.24 16.72 6.80
C ARG A 82 6.84 18.17 7.05
N CYS A 83 6.37 18.82 5.98
CA CYS A 83 6.06 20.24 5.98
C CYS A 83 4.77 20.50 6.77
N PRO A 84 4.48 21.78 7.04
CA PRO A 84 3.29 22.09 7.86
C PRO A 84 1.98 21.66 7.24
N HIS A 85 1.93 21.57 5.90
CA HIS A 85 0.72 21.06 5.25
C HIS A 85 0.60 19.55 5.41
N HIS A 86 1.63 18.81 4.97
CA HIS A 86 1.53 17.36 4.93
C HIS A 86 1.46 16.72 6.32
N GLU A 87 2.08 17.33 7.33
CA GLU A 87 1.94 16.73 8.67
C GLU A 87 0.51 16.82 9.19
N ARG A 88 -0.34 17.69 8.60
CA ARG A 88 -1.72 17.88 9.03
C ARG A 88 -2.75 17.30 8.07
N CYS A 89 -2.36 16.45 7.12
N CYS A 89 -2.34 16.43 7.14
CA CYS A 89 -3.30 16.02 6.10
CA CYS A 89 -3.20 15.95 6.07
C CYS A 89 -3.93 14.65 6.38
C CYS A 89 -4.06 14.75 6.45
N SER A 90 -3.86 14.17 7.63
CA SER A 90 -4.61 12.98 8.06
C SER A 90 -4.30 11.75 7.22
N ASP A 91 -3.08 11.63 6.71
CA ASP A 91 -2.73 10.52 5.85
C ASP A 91 -1.90 9.43 6.54
N SER A 92 -1.78 9.45 7.87
CA SER A 92 -1.04 8.41 8.56
C SER A 92 -1.78 7.08 8.48
N ASP A 93 -1.02 5.99 8.34
CA ASP A 93 -1.57 4.64 8.29
C ASP A 93 -1.80 4.05 9.68
N GLY A 94 -1.67 4.85 10.74
CA GLY A 94 -1.81 4.36 12.09
C GLY A 94 -0.53 3.85 12.69
N LEU A 95 0.50 3.63 11.87
CA LEU A 95 1.82 3.27 12.35
C LEU A 95 2.79 4.42 12.22
N ALA A 96 2.88 5.02 11.03
CA ALA A 96 3.81 6.11 10.83
C ALA A 96 3.27 7.38 11.45
N PRO A 97 4.02 8.05 12.33
CA PRO A 97 3.56 9.36 12.81
C PRO A 97 3.43 10.32 11.64
N PRO A 98 2.49 11.25 11.68
CA PRO A 98 2.26 12.12 10.51
C PRO A 98 3.41 13.06 10.22
N GLN A 99 4.36 13.25 11.15
CA GLN A 99 5.53 14.09 10.92
C GLN A 99 6.63 13.39 10.12
N HIS A 100 6.62 12.05 10.02
CA HIS A 100 7.77 11.32 9.45
C HIS A 100 7.78 11.37 7.93
N LEU A 101 8.92 11.78 7.37
CA LEU A 101 9.06 11.81 5.92
C LEU A 101 9.06 10.42 5.31
N ILE A 102 9.82 9.48 5.90
CA ILE A 102 10.04 8.17 5.30
C ILE A 102 9.14 7.15 5.97
N ARG A 103 8.35 6.45 5.17
CA ARG A 103 7.58 5.29 5.64
C ARG A 103 8.09 4.04 4.97
N VAL A 104 7.84 2.90 5.62
CA VAL A 104 7.94 1.60 4.97
C VAL A 104 6.54 1.15 4.55
N GLU A 105 6.43 0.68 3.31
CA GLU A 105 5.15 0.27 2.75
C GLU A 105 5.01 -1.23 2.94
N GLY A 106 3.82 -1.66 3.40
CA GLY A 106 3.44 -3.06 3.40
C GLY A 106 4.20 -3.96 4.37
N ASN A 107 4.58 -3.43 5.53
CA ASN A 107 5.26 -4.27 6.52
C ASN A 107 4.72 -3.87 7.90
N LEU A 108 3.86 -4.74 8.45
CA LEU A 108 3.26 -4.50 9.76
C LEU A 108 4.27 -4.51 10.91
N ARG A 109 5.49 -4.97 10.68
CA ARG A 109 6.53 -4.96 11.70
C ARG A 109 7.39 -3.71 11.66
N ALA A 110 7.08 -2.75 10.78
CA ALA A 110 7.81 -1.49 10.79
C ALA A 110 7.57 -0.77 12.12
N GLU A 111 8.65 -0.22 12.67
CA GLU A 111 8.63 0.62 13.86
C GLU A 111 9.19 2.00 13.55
N TYR A 112 8.57 3.01 14.13
CA TYR A 112 8.90 4.39 13.88
C TYR A 112 9.45 4.98 15.16
N LEU A 113 10.63 5.57 15.08
CA LEU A 113 11.33 6.12 16.25
C LEU A 113 11.41 7.64 16.17
N ASP A 114 10.99 8.30 17.24
N ASP A 114 11.06 8.30 17.25
CA ASP A 114 11.34 9.70 17.51
CA ASP A 114 11.37 9.71 17.45
C ASP A 114 12.47 9.62 18.52
C ASP A 114 12.44 9.72 18.52
N ASP A 115 13.69 9.96 18.11
CA ASP A 115 14.81 9.84 19.02
C ASP A 115 14.69 10.80 20.19
N ARG A 116 14.77 10.26 21.41
CA ARG A 116 14.51 11.07 22.61
C ARG A 116 15.56 12.15 22.83
N ASN A 117 16.75 11.98 22.26
CA ASN A 117 17.82 12.94 22.46
C ASN A 117 18.05 13.86 21.27
N THR A 118 18.05 13.30 20.05
CA THR A 118 18.30 14.09 18.85
C THR A 118 17.04 14.57 18.17
N PHE A 119 15.89 14.00 18.51
CA PHE A 119 14.60 14.32 17.89
C PHE A 119 14.50 13.90 16.44
N ARG A 120 15.47 13.15 15.93
CA ARG A 120 15.38 12.69 14.55
C ARG A 120 14.41 11.53 14.41
N HIS A 121 13.86 11.42 13.21
CA HIS A 121 12.88 10.40 12.88
C HIS A 121 13.57 9.27 12.13
N SER A 122 13.13 8.04 12.38
CA SER A 122 13.60 6.95 11.54
C SER A 122 12.57 5.83 11.55
N VAL A 123 12.70 4.92 10.58
CA VAL A 123 11.82 3.78 10.48
C VAL A 123 12.69 2.53 10.33
N VAL A 124 12.38 1.49 11.10
CA VAL A 124 13.22 0.32 11.19
C VAL A 124 12.35 -0.93 11.00
N VAL A 125 12.85 -1.91 10.23
CA VAL A 125 12.12 -3.16 10.00
C VAL A 125 13.06 -4.34 10.24
N PRO A 126 12.54 -5.49 10.63
CA PRO A 126 13.39 -6.70 10.72
C PRO A 126 13.88 -7.10 9.35
N CYS A 127 15.12 -7.56 9.29
CA CYS A 127 15.65 -8.17 8.08
C CYS A 127 15.13 -9.58 7.94
N GLU A 128 14.57 -9.88 6.78
CA GLU A 128 14.15 -11.23 6.46
C GLU A 128 14.94 -11.71 5.26
N PRO A 129 15.08 -13.02 5.08
CA PRO A 129 15.79 -13.55 3.93
C PRO A 129 15.01 -13.28 2.66
N PRO A 130 15.67 -13.39 1.51
CA PRO A 130 15.01 -13.10 0.23
C PRO A 130 13.83 -14.02 -0.02
N GLU A 131 12.84 -13.48 -0.74
CA GLU A 131 11.75 -14.31 -1.24
C GLU A 131 12.29 -15.43 -2.12
N VAL A 132 11.42 -16.40 -2.41
N VAL A 132 11.45 -16.43 -2.36
CA VAL A 132 11.85 -17.73 -2.89
CA VAL A 132 11.82 -17.52 -3.25
C VAL A 132 12.69 -17.62 -4.16
C VAL A 132 12.08 -16.96 -4.64
N GLY A 133 12.22 -16.85 -5.13
N GLY A 133 13.15 -17.44 -5.29
CA GLY A 133 12.95 -16.67 -6.37
CA GLY A 133 13.53 -16.99 -6.60
C GLY A 133 13.66 -15.33 -6.48
C GLY A 133 14.26 -15.66 -6.67
N SER A 134 14.54 -15.04 -5.53
CA SER A 134 15.24 -13.77 -5.47
C SER A 134 16.59 -13.93 -4.77
N ASP A 135 17.56 -13.11 -5.17
CA ASP A 135 18.90 -13.12 -4.58
C ASP A 135 19.10 -12.08 -3.49
N CYS A 136 18.15 -11.17 -3.31
CA CYS A 136 18.31 -10.13 -2.31
C CYS A 136 16.97 -9.83 -1.68
N THR A 137 17.02 -9.26 -0.49
CA THR A 137 15.83 -8.73 0.16
C THR A 137 15.58 -7.30 -0.32
N THR A 138 14.31 -6.92 -0.40
CA THR A 138 13.96 -5.59 -0.86
C THR A 138 13.04 -4.96 0.17
N ILE A 139 13.25 -3.67 0.45
CA ILE A 139 12.36 -2.92 1.31
C ILE A 139 11.67 -1.91 0.41
N HIS A 140 10.40 -1.63 0.66
CA HIS A 140 9.66 -0.63 -0.12
C HIS A 140 9.49 0.60 0.74
N TYR A 141 10.10 1.71 0.33
CA TYR A 141 9.96 2.97 1.06
C TYR A 141 9.02 3.93 0.34
N ASN A 142 8.39 4.81 1.12
CA ASN A 142 7.62 5.93 0.57
C ASN A 142 8.15 7.22 1.16
N TYR A 143 8.26 8.27 0.34
CA TYR A 143 8.64 9.61 0.80
C TYR A 143 7.40 10.50 0.75
N MET A 144 7.07 11.12 1.88
CA MET A 144 5.76 11.71 2.12
C MET A 144 5.69 13.24 1.96
N CYS A 145 6.73 13.88 1.44
CA CYS A 145 6.69 15.27 0.99
C CYS A 145 7.51 15.39 -0.26
N TYR A 146 7.20 16.42 -1.06
CA TYR A 146 8.07 16.82 -2.15
C TYR A 146 9.30 17.51 -1.61
N SER A 147 10.41 17.41 -2.37
CA SER A 147 11.59 18.17 -2.02
C SER A 147 11.30 19.65 -1.92
N SER A 148 10.35 20.15 -2.71
CA SER A 148 10.01 21.57 -2.76
C SER A 148 9.04 22.03 -1.68
N CYS A 149 8.52 21.15 -0.80
CA CYS A 149 7.45 21.56 0.12
C CYS A 149 7.86 22.74 1.00
N MET A 150 7.06 23.81 0.96
CA MET A 150 7.36 25.01 1.73
C MET A 150 7.23 24.71 3.22
N GLY A 151 8.15 25.25 4.01
CA GLY A 151 8.17 25.01 5.45
C GLY A 151 8.67 23.64 5.86
N GLY A 152 8.93 22.74 4.90
CA GLY A 152 9.60 21.47 5.16
C GLY A 152 10.96 21.42 4.48
N MET A 153 11.15 20.48 3.54
CA MET A 153 12.43 20.39 2.85
C MET A 153 12.80 21.68 2.11
N ASN A 154 11.79 22.36 1.55
N ASN A 154 11.80 22.35 1.52
CA ASN A 154 11.94 23.70 0.96
CA ASN A 154 11.97 23.72 1.02
C ASN A 154 13.10 23.75 -0.04
C ASN A 154 13.02 23.81 -0.09
N ARG A 155 13.09 22.80 -0.96
CA ARG A 155 14.04 22.70 -2.08
C ARG A 155 15.43 22.27 -1.65
N ARG A 156 15.62 21.91 -0.40
CA ARG A 156 16.94 21.51 0.09
C ARG A 156 17.14 20.02 -0.16
N PRO A 157 18.25 19.62 -0.77
CA PRO A 157 18.49 18.19 -0.98
C PRO A 157 18.70 17.44 0.33
N ILE A 158 18.24 16.19 0.32
CA ILE A 158 18.40 15.28 1.44
C ILE A 158 19.16 14.03 1.02
N LEU A 159 19.72 13.36 2.01
CA LEU A 159 20.24 12.01 1.89
C LEU A 159 19.37 11.09 2.72
N THR A 160 19.17 9.86 2.25
CA THR A 160 18.70 8.78 3.12
C THR A 160 19.89 7.93 3.53
N ILE A 161 20.02 7.68 4.83
CA ILE A 161 21.07 6.81 5.39
C ILE A 161 20.39 5.52 5.78
N ILE A 162 20.87 4.40 5.23
CA ILE A 162 20.36 3.07 5.56
C ILE A 162 21.38 2.39 6.44
N THR A 163 20.98 1.95 7.62
N THR A 163 20.95 1.96 7.62
CA THR A 163 21.90 1.27 8.53
CA THR A 163 21.81 1.27 8.56
C THR A 163 21.40 -0.12 8.87
C THR A 163 21.33 -0.17 8.75
N LEU A 164 22.29 -1.09 8.71
CA LEU A 164 22.06 -2.45 9.14
C LEU A 164 22.47 -2.51 10.61
N GLU A 165 21.57 -3.01 11.48
CA GLU A 165 21.79 -2.96 12.91
C GLU A 165 21.54 -4.33 13.54
N ASP A 166 22.22 -4.60 14.66
CA ASP A 166 21.85 -5.79 15.41
C ASP A 166 20.58 -5.53 16.22
N SER A 167 20.17 -6.52 17.03
CA SER A 167 18.92 -6.40 17.76
C SER A 167 18.97 -5.35 18.87
N SER A 168 20.17 -4.91 19.28
CA SER A 168 20.30 -3.82 20.24
C SER A 168 20.35 -2.46 19.58
N GLY A 169 20.42 -2.41 18.25
CA GLY A 169 20.60 -1.16 17.57
C GLY A 169 22.04 -0.80 17.25
N ASN A 170 23.00 -1.69 17.54
CA ASN A 170 24.39 -1.40 17.21
C ASN A 170 24.64 -1.51 15.71
N LEU A 171 25.54 -0.68 15.23
CA LEU A 171 25.81 -0.59 13.80
C LEU A 171 26.50 -1.84 13.28
N LEU A 172 25.96 -2.40 12.20
CA LEU A 172 26.61 -3.46 11.44
C LEU A 172 27.06 -3.03 10.05
N GLY A 173 26.38 -2.07 9.44
CA GLY A 173 26.74 -1.59 8.10
C GLY A 173 25.97 -0.32 7.81
N ARG A 174 26.46 0.44 6.84
CA ARG A 174 25.86 1.73 6.52
C ARG A 174 26.04 2.04 5.04
N ASP A 175 25.00 2.62 4.43
CA ASP A 175 25.07 3.08 3.04
C ASP A 175 24.12 4.26 2.94
N SER A 176 24.17 4.98 1.82
CA SER A 176 23.34 6.18 1.70
C SER A 176 23.17 6.57 0.24
N PHE A 177 22.18 7.42 0.00
CA PHE A 177 21.88 7.93 -1.34
C PHE A 177 21.13 9.24 -1.20
N GLU A 178 21.30 10.12 -2.18
CA GLU A 178 20.54 11.36 -2.21
C GLU A 178 19.12 11.06 -2.73
N VAL A 179 18.15 11.87 -2.32
CA VAL A 179 16.77 11.70 -2.77
C VAL A 179 16.25 13.04 -3.24
N ARG A 180 15.54 13.02 -4.38
CA ARG A 180 14.70 14.13 -4.80
C ARG A 180 13.29 13.58 -4.99
N VAL A 181 12.32 14.15 -4.27
CA VAL A 181 10.92 13.78 -4.44
C VAL A 181 10.28 14.84 -5.31
N CYS A 182 9.76 14.44 -6.47
CA CYS A 182 9.36 15.42 -7.48
C CYS A 182 8.25 14.84 -8.33
N ALA A 183 7.64 15.71 -9.15
CA ALA A 183 6.49 15.30 -9.95
C ALA A 183 6.89 14.40 -11.11
N CYS A 184 8.06 14.64 -11.72
N CYS A 184 8.08 14.60 -11.68
CA CYS A 184 8.49 13.91 -12.91
CA CYS A 184 8.50 13.94 -12.91
C CYS A 184 9.91 13.40 -12.72
C CYS A 184 9.91 13.41 -12.73
N PRO A 185 10.07 12.29 -11.99
CA PRO A 185 11.42 11.76 -11.74
C PRO A 185 12.21 11.42 -12.99
N GLY A 186 11.53 10.90 -14.02
CA GLY A 186 12.24 10.51 -15.23
C GLY A 186 12.85 11.71 -15.92
N ARG A 187 12.07 12.78 -16.06
CA ARG A 187 12.60 13.98 -16.66
C ARG A 187 13.69 14.61 -15.79
N ASP A 188 13.48 14.65 -14.47
CA ASP A 188 14.47 15.29 -13.61
C ASP A 188 15.78 14.51 -13.58
N ARG A 189 15.72 13.18 -13.59
CA ARG A 189 16.95 12.40 -13.68
C ARG A 189 17.69 12.70 -14.97
N ARG A 190 16.97 12.73 -16.11
CA ARG A 190 17.62 13.03 -17.39
C ARG A 190 18.28 14.39 -17.36
N THR A 191 17.59 15.40 -16.82
CA THR A 191 18.15 16.76 -16.76
C THR A 191 19.40 16.80 -15.91
N GLU A 192 19.34 16.21 -14.72
CA GLU A 192 20.49 16.24 -13.82
C GLU A 192 21.66 15.46 -14.38
N GLU A 193 21.40 14.34 -15.09
CA GLU A 193 22.50 13.58 -15.69
C GLU A 193 23.10 14.32 -16.87
N GLU A 194 22.25 14.92 -17.71
CA GLU A 194 22.77 15.75 -18.79
C GLU A 194 23.57 16.91 -18.25
N ASN A 195 23.12 17.51 -17.14
CA ASN A 195 23.86 18.61 -16.52
C ASN A 195 25.22 18.14 -16.03
N LEU A 196 25.27 16.96 -15.42
CA LEU A 196 26.55 16.42 -14.94
C LEU A 196 27.50 16.17 -16.10
N ARG A 197 26.98 15.77 -17.26
CA ARG A 197 27.85 15.55 -18.42
C ARG A 197 28.48 16.86 -18.91
N LYS A 198 27.79 17.98 -18.74
CA LYS A 198 28.28 19.27 -19.22
C LYS A 198 29.41 19.83 -18.34
N SER B 3 -6.23 4.73 12.44
CA SER B 3 -6.03 3.31 12.16
C SER B 3 -6.56 2.90 10.78
N VAL B 4 -5.78 2.06 10.11
CA VAL B 4 -6.02 1.67 8.72
C VAL B 4 -5.78 0.18 8.53
N PRO B 5 -6.75 -0.56 7.97
CA PRO B 5 -6.56 -1.97 7.66
C PRO B 5 -5.47 -2.16 6.61
N SER B 6 -4.64 -3.19 6.79
CA SER B 6 -3.61 -3.50 5.80
C SER B 6 -4.26 -3.97 4.50
N GLN B 7 -3.62 -3.62 3.38
CA GLN B 7 -4.05 -4.08 2.07
C GLN B 7 -2.99 -4.94 1.39
N LYS B 8 -2.01 -5.43 2.13
CA LYS B 8 -0.91 -6.15 1.49
C LYS B 8 -1.35 -7.54 1.05
N THR B 9 -1.13 -7.86 -0.22
CA THR B 9 -1.49 -9.18 -0.72
C THR B 9 -0.67 -10.24 0.01
N TYR B 10 -1.35 -11.31 0.43
CA TYR B 10 -0.72 -12.35 1.23
C TYR B 10 -1.40 -13.67 0.89
N GLN B 11 -0.72 -14.54 0.18
CA GLN B 11 -1.37 -15.80 -0.16
C GLN B 11 -1.43 -16.74 1.03
N GLY B 12 -0.45 -16.68 1.95
CA GLY B 12 -0.49 -17.52 3.14
C GLY B 12 -0.31 -19.00 2.83
N SER B 13 -0.49 -19.81 3.86
N SER B 13 -0.50 -19.81 3.87
CA SER B 13 -0.17 -21.23 3.76
CA SER B 13 -0.20 -21.23 3.78
C SER B 13 -1.15 -22.01 2.89
C SER B 13 -1.10 -21.95 2.79
N TYR B 14 -2.31 -21.44 2.58
CA TYR B 14 -3.30 -22.09 1.72
C TYR B 14 -3.28 -21.60 0.27
N GLY B 15 -2.41 -20.65 -0.07
CA GLY B 15 -2.35 -20.15 -1.43
C GLY B 15 -3.62 -19.42 -1.84
N PHE B 16 -4.11 -18.56 -0.96
CA PHE B 16 -5.38 -17.85 -1.16
C PHE B 16 -5.22 -16.71 -2.16
N ARG B 17 -6.13 -16.64 -3.13
CA ARG B 17 -6.18 -15.49 -4.03
C ARG B 17 -7.57 -15.41 -4.67
N LEU B 18 -7.91 -14.23 -5.18
CA LEU B 18 -9.20 -14.00 -5.81
C LEU B 18 -9.15 -14.35 -7.30
N GLY B 19 -10.34 -14.50 -7.87
CA GLY B 19 -10.47 -14.61 -9.32
C GLY B 19 -11.73 -13.90 -9.77
N PHE B 20 -11.72 -13.43 -11.02
CA PHE B 20 -12.84 -12.71 -11.59
C PHE B 20 -13.24 -13.28 -12.93
N LEU B 21 -14.54 -13.31 -13.20
CA LEU B 21 -15.04 -13.70 -14.52
C LEU B 21 -14.58 -12.73 -15.61
N HIS B 22 -14.73 -13.16 -16.86
CA HIS B 22 -14.38 -12.36 -18.02
C HIS B 22 -15.70 -11.95 -18.66
N SER B 23 -16.20 -10.77 -18.28
CA SER B 23 -17.53 -10.33 -18.66
CA SER B 23 -17.53 -10.35 -18.68
C SER B 23 -17.55 -9.37 -19.84
N GLY B 24 -16.40 -8.81 -20.23
CA GLY B 24 -16.36 -7.89 -21.36
C GLY B 24 -16.76 -6.47 -20.98
N THR B 25 -16.82 -5.60 -22.00
CA THR B 25 -17.02 -4.17 -21.77
C THR B 25 -18.17 -3.60 -22.59
N ALA B 26 -19.14 -4.44 -22.94
CA ALA B 26 -20.32 -3.93 -23.64
C ALA B 26 -21.03 -2.91 -22.78
N LYS B 27 -21.76 -1.99 -23.43
CA LYS B 27 -22.49 -0.96 -22.72
C LYS B 27 -23.49 -1.54 -21.73
N SER B 28 -24.01 -2.75 -22.01
CA SER B 28 -25.01 -3.40 -21.17
C SER B 28 -24.43 -4.16 -19.98
N VAL B 29 -23.11 -4.28 -19.85
CA VAL B 29 -22.55 -5.13 -18.81
C VAL B 29 -22.81 -4.52 -17.43
N THR B 30 -23.12 -5.38 -16.46
CA THR B 30 -23.45 -4.89 -15.11
C THR B 30 -22.29 -4.99 -14.12
N CYS B 31 -21.27 -5.79 -14.43
CA CYS B 31 -20.13 -5.98 -13.55
C CYS B 31 -19.00 -6.45 -14.45
N THR B 32 -17.86 -5.78 -14.39
CA THR B 32 -16.73 -6.16 -15.22
C THR B 32 -15.43 -5.82 -14.52
N TYR B 33 -14.46 -6.72 -14.63
CA TYR B 33 -13.19 -6.59 -13.92
C TYR B 33 -12.05 -6.31 -14.88
N SER B 34 -11.22 -5.33 -14.54
CA SER B 34 -10.05 -4.97 -15.33
C SER B 34 -8.80 -5.51 -14.65
N PRO B 35 -8.15 -6.56 -15.17
CA PRO B 35 -6.88 -6.97 -14.56
CA PRO B 35 -6.86 -6.99 -14.60
C PRO B 35 -5.78 -5.93 -14.69
N ALA B 36 -5.76 -5.14 -15.78
CA ALA B 36 -4.69 -4.16 -15.93
C ALA B 36 -4.77 -3.08 -14.86
N LEU B 37 -5.98 -2.76 -14.40
CA LEU B 37 -6.17 -1.77 -13.36
C LEU B 37 -6.37 -2.39 -11.97
N ASN B 38 -6.47 -3.71 -11.88
CA ASN B 38 -6.97 -4.42 -10.69
C ASN B 38 -8.19 -3.72 -10.11
N LYS B 39 -9.21 -3.54 -10.94
CA LYS B 39 -10.35 -2.69 -10.61
C LYS B 39 -11.63 -3.32 -11.11
N LEU B 40 -12.61 -3.43 -10.20
CA LEU B 40 -13.93 -3.93 -10.54
C LEU B 40 -14.84 -2.73 -10.80
N PHE B 41 -15.57 -2.78 -11.92
CA PHE B 41 -16.56 -1.76 -12.26
C PHE B 41 -17.93 -2.42 -12.20
N CYS B 42 -18.86 -1.84 -11.43
CA CYS B 42 -20.16 -2.48 -11.30
C CYS B 42 -21.25 -1.45 -11.14
N GLN B 43 -22.46 -1.85 -11.52
CA GLN B 43 -23.66 -1.07 -11.28
C GLN B 43 -24.13 -1.23 -9.82
N LEU B 44 -24.95 -0.26 -9.40
CA LEU B 44 -25.47 -0.24 -8.03
C LEU B 44 -26.32 -1.47 -7.75
N ALA B 45 -26.00 -2.17 -6.65
CA ALA B 45 -26.81 -3.26 -6.12
C ALA B 45 -26.89 -4.46 -7.06
N LYS B 46 -25.97 -4.59 -8.00
CA LYS B 46 -25.98 -5.74 -8.90
C LYS B 46 -24.98 -6.79 -8.43
N THR B 47 -25.22 -8.03 -8.86
CA THR B 47 -24.39 -9.16 -8.44
C THR B 47 -22.96 -9.01 -8.94
N CYS B 48 -22.01 -9.12 -8.03
CA CYS B 48 -20.59 -9.11 -8.36
C CYS B 48 -20.00 -10.45 -7.95
N PRO B 49 -19.80 -11.39 -8.88
CA PRO B 49 -19.23 -12.69 -8.51
C PRO B 49 -17.72 -12.56 -8.32
N VAL B 50 -17.24 -13.04 -7.19
CA VAL B 50 -15.81 -13.03 -6.89
C VAL B 50 -15.40 -14.46 -6.54
N GLN B 51 -14.45 -15.00 -7.28
CA GLN B 51 -14.00 -16.35 -7.02
C GLN B 51 -12.97 -16.36 -5.89
N LEU B 52 -13.00 -17.41 -5.08
CA LEU B 52 -11.98 -17.67 -4.07
C LEU B 52 -11.21 -18.92 -4.50
N TRP B 53 -9.90 -18.78 -4.65
CA TRP B 53 -9.03 -19.89 -5.06
C TRP B 53 -8.05 -20.19 -3.95
N VAL B 54 -7.81 -21.49 -3.70
CA VAL B 54 -6.79 -21.92 -2.75
C VAL B 54 -6.05 -23.10 -3.37
N ASP B 55 -4.79 -23.26 -2.95
CA ASP B 55 -4.01 -24.45 -3.32
C ASP B 55 -4.30 -25.64 -2.42
N SER B 56 -4.71 -25.41 -1.16
CA SER B 56 -5.12 -26.50 -0.29
C SER B 56 -6.27 -26.02 0.59
N THR B 57 -7.04 -26.99 1.08
CA THR B 57 -8.27 -26.66 1.79
C THR B 57 -7.97 -26.17 3.20
N PRO B 58 -8.44 -24.99 3.58
CA PRO B 58 -8.22 -24.51 4.95
C PRO B 58 -9.13 -25.23 5.93
N PRO B 59 -8.84 -25.13 7.22
CA PRO B 59 -9.58 -25.89 8.23
C PRO B 59 -11.05 -25.52 8.31
N PRO B 60 -11.88 -26.44 8.81
CA PRO B 60 -13.26 -26.09 9.18
C PRO B 60 -13.28 -24.91 10.13
N GLY B 61 -14.17 -23.96 9.87
CA GLY B 61 -14.27 -22.74 10.66
C GLY B 61 -13.57 -21.55 10.04
N THR B 62 -12.82 -21.76 8.95
CA THR B 62 -12.25 -20.65 8.20
C THR B 62 -13.36 -19.78 7.62
N ARG B 63 -13.15 -18.47 7.58
CA ARG B 63 -14.14 -17.53 7.09
C ARG B 63 -13.51 -16.58 6.08
N VAL B 64 -14.34 -15.85 5.34
CA VAL B 64 -13.89 -14.89 4.34
C VAL B 64 -14.61 -13.57 4.63
N ARG B 65 -13.83 -12.51 4.86
CA ARG B 65 -14.37 -11.19 5.20
C ARG B 65 -14.09 -10.20 4.09
N ALA B 66 -15.05 -9.32 3.85
CA ALA B 66 -14.89 -8.20 2.91
C ALA B 66 -15.06 -6.88 3.65
N MET B 67 -14.21 -5.91 3.33
CA MET B 67 -14.25 -4.57 3.92
C MET B 67 -13.81 -3.56 2.87
N ALA B 68 -14.43 -2.40 2.85
CA ALA B 68 -14.05 -1.30 1.97
C ALA B 68 -13.24 -0.27 2.73
N ILE B 69 -12.19 0.27 2.10
CA ILE B 69 -11.45 1.42 2.61
C ILE B 69 -11.28 2.41 1.47
N TYR B 70 -11.12 3.68 1.82
CA TYR B 70 -10.76 4.66 0.79
C TYR B 70 -9.34 4.38 0.30
N LYS B 71 -9.14 4.52 -1.01
CA LYS B 71 -7.85 4.20 -1.61
C LYS B 71 -6.82 5.30 -1.39
N GLN B 72 -7.23 6.57 -1.41
CA GLN B 72 -6.29 7.68 -1.18
C GLN B 72 -5.93 7.80 0.29
N SER B 73 -4.63 7.97 0.57
N SER B 73 -4.63 7.97 0.56
CA SER B 73 -4.13 7.96 1.94
CA SER B 73 -4.12 7.97 1.93
C SER B 73 -4.74 9.06 2.79
C SER B 73 -4.75 9.06 2.79
N GLN B 74 -5.06 10.21 2.20
CA GLN B 74 -5.64 11.29 2.98
C GLN B 74 -7.09 11.05 3.40
N HIS B 75 -7.71 9.98 2.89
CA HIS B 75 -9.06 9.58 3.29
C HIS B 75 -9.11 8.23 3.97
N MET B 76 -7.97 7.55 4.12
CA MET B 76 -8.01 6.14 4.49
C MET B 76 -8.49 5.91 5.93
N THR B 77 -8.40 6.93 6.80
CA THR B 77 -8.93 6.78 8.15
C THR B 77 -10.44 7.01 8.23
N GLU B 78 -11.09 7.47 7.16
CA GLU B 78 -12.54 7.67 7.20
C GLU B 78 -13.27 6.36 6.91
N VAL B 79 -14.24 6.01 7.74
CA VAL B 79 -15.02 4.80 7.51
C VAL B 79 -15.82 4.94 6.21
N VAL B 80 -15.70 3.95 5.33
CA VAL B 80 -16.53 3.88 4.13
C VAL B 80 -17.93 3.41 4.53
N ARG B 81 -18.95 4.21 4.22
CA ARG B 81 -20.32 3.87 4.57
C ARG B 81 -21.24 4.34 3.45
N ARG B 82 -22.48 3.88 3.47
CA ARG B 82 -23.47 4.42 2.55
C ARG B 82 -23.79 5.90 2.85
N CYS B 83 -24.19 6.60 1.79
CA CYS B 83 -24.44 8.02 1.86
C CYS B 83 -25.74 8.30 2.61
N PRO B 84 -26.01 9.58 2.90
CA PRO B 84 -27.21 9.89 3.71
C PRO B 84 -28.52 9.53 3.04
N HIS B 85 -28.55 9.47 1.70
CA HIS B 85 -29.74 9.00 1.00
C HIS B 85 -29.88 7.49 1.06
N HIS B 86 -28.84 6.76 0.65
CA HIS B 86 -29.00 5.31 0.54
C HIS B 86 -29.12 4.62 1.90
N GLU B 87 -28.52 5.16 2.96
CA GLU B 87 -28.71 4.52 4.26
C GLU B 87 -30.16 4.57 4.74
N ARG B 88 -30.99 5.45 4.15
CA ARG B 88 -32.38 5.62 4.53
C ARG B 88 -33.38 5.11 3.50
N CYS B 89 -32.96 4.33 2.52
N CYS B 89 -32.87 4.49 2.44
CA CYS B 89 -33.91 4.02 1.46
CA CYS B 89 -33.71 3.80 1.48
C CYS B 89 -34.69 2.70 1.64
C CYS B 89 -34.23 2.54 2.12
N SER B 90 -34.53 2.00 2.76
N SER B 90 -35.49 2.25 1.89
CA SER B 90 -35.43 0.92 3.15
CA SER B 90 -36.05 0.98 2.34
C SER B 90 -35.35 -0.33 2.27
C SER B 90 -35.54 -0.09 1.37
N ASP B 91 -34.26 -0.45 1.51
CA ASP B 91 -33.82 -1.58 0.68
C ASP B 91 -33.17 -2.71 1.47
N SER B 92 -33.51 -2.84 2.75
CA SER B 92 -32.91 -3.88 3.57
C SER B 92 -33.22 -5.26 2.99
N ASP B 93 -32.27 -6.18 3.17
CA ASP B 93 -32.49 -7.58 2.81
C ASP B 93 -32.84 -8.43 4.01
N GLY B 94 -33.08 -7.80 5.17
CA GLY B 94 -33.34 -8.51 6.40
C GLY B 94 -32.11 -8.83 7.23
N LEU B 95 -30.91 -8.63 6.68
CA LEU B 95 -29.68 -9.09 7.34
C LEU B 95 -28.63 -7.98 7.40
N ALA B 96 -28.39 -7.32 6.28
CA ALA B 96 -27.38 -6.27 6.24
C ALA B 96 -27.89 -5.00 6.92
N PRO B 97 -27.11 -4.40 7.81
CA PRO B 97 -27.49 -3.08 8.33
C PRO B 97 -27.57 -2.08 7.20
N PRO B 98 -28.49 -1.12 7.28
CA PRO B 98 -28.70 -0.18 6.16
C PRO B 98 -27.50 0.71 5.86
N GLN B 99 -26.56 0.85 6.79
CA GLN B 99 -25.37 1.68 6.60
C GLN B 99 -24.27 0.98 5.80
N HIS B 100 -24.29 -0.35 5.69
CA HIS B 100 -23.16 -1.07 5.08
C HIS B 100 -23.16 -0.98 3.56
N LEU B 101 -22.00 -0.59 3.01
CA LEU B 101 -21.84 -0.52 1.56
C LEU B 101 -21.85 -1.91 0.92
N ILE B 102 -21.14 -2.87 1.52
CA ILE B 102 -20.94 -4.18 0.89
C ILE B 102 -21.90 -5.16 1.53
N ARG B 103 -22.68 -5.84 0.70
CA ARG B 103 -23.49 -6.96 1.14
C ARG B 103 -23.05 -8.24 0.46
N VAL B 104 -23.32 -9.37 1.12
CA VAL B 104 -23.22 -10.66 0.49
C VAL B 104 -24.63 -11.09 0.11
N GLU B 105 -24.79 -11.49 -1.15
CA GLU B 105 -26.08 -11.87 -1.68
C GLU B 105 -26.27 -13.37 -1.53
N GLY B 106 -27.45 -13.78 -1.10
CA GLY B 106 -27.84 -15.18 -1.11
C GLY B 106 -27.05 -16.11 -0.20
N ASN B 107 -26.68 -15.64 0.99
CA ASN B 107 -26.02 -16.50 1.96
C ASN B 107 -26.60 -16.16 3.33
N LEU B 108 -27.46 -17.04 3.84
CA LEU B 108 -28.07 -16.78 5.14
C LEU B 108 -27.08 -16.84 6.30
N ARG B 109 -25.86 -17.33 6.08
CA ARG B 109 -24.84 -17.38 7.12
C ARG B 109 -23.94 -16.15 7.12
N ALA B 110 -24.22 -15.17 6.27
CA ALA B 110 -23.45 -13.93 6.31
C ALA B 110 -23.64 -13.23 7.65
N GLU B 111 -22.54 -12.71 8.19
CA GLU B 111 -22.57 -11.90 9.41
CA GLU B 111 -22.55 -11.92 9.42
C GLU B 111 -22.00 -10.53 9.11
N TYR B 112 -22.65 -9.50 9.63
CA TYR B 112 -22.27 -8.11 9.42
C TYR B 112 -21.72 -7.55 10.71
N LEU B 113 -20.52 -6.99 10.65
CA LEU B 113 -19.83 -6.48 11.83
C LEU B 113 -19.72 -4.96 11.75
N ASP B 114 -20.11 -4.30 12.83
CA ASP B 114 -19.75 -2.93 13.13
C ASP B 114 -18.67 -3.01 14.19
N ASP B 115 -17.44 -2.70 13.82
CA ASP B 115 -16.32 -2.91 14.73
C ASP B 115 -16.43 -1.95 15.91
N ARG B 116 -16.37 -2.51 17.12
CA ARG B 116 -16.61 -1.71 18.32
C ARG B 116 -15.49 -0.70 18.55
N ASN B 117 -14.31 -0.94 18.01
CA ASN B 117 -13.15 -0.08 18.21
C ASN B 117 -12.85 0.85 17.04
N THR B 118 -12.93 0.36 15.80
CA THR B 118 -12.64 1.18 14.63
C THR B 118 -13.89 1.74 13.95
N PHE B 119 -15.06 1.18 14.24
CA PHE B 119 -16.32 1.57 13.63
C PHE B 119 -16.42 1.16 12.17
N ARG B 120 -15.47 0.38 11.67
CA ARG B 120 -15.54 -0.02 10.28
C ARG B 120 -16.55 -1.15 10.10
N HIS B 121 -17.10 -1.23 8.90
CA HIS B 121 -18.09 -2.23 8.57
C HIS B 121 -17.43 -3.36 7.82
N SER B 122 -17.94 -4.57 8.02
CA SER B 122 -17.47 -5.65 7.17
C SER B 122 -18.54 -6.74 7.14
N VAL B 123 -18.42 -7.64 6.16
CA VAL B 123 -19.32 -8.77 6.03
C VAL B 123 -18.49 -10.04 5.89
N VAL B 124 -18.85 -11.06 6.65
CA VAL B 124 -18.02 -12.26 6.72
C VAL B 124 -18.91 -13.48 6.54
N VAL B 125 -18.42 -14.48 5.79
CA VAL B 125 -19.16 -15.72 5.58
C VAL B 125 -18.25 -16.91 5.85
N PRO B 126 -18.81 -18.05 6.22
CA PRO B 126 -17.98 -19.25 6.41
C PRO B 126 -17.46 -19.74 5.08
N CYS B 127 -16.24 -20.23 5.07
CA CYS B 127 -15.74 -20.96 3.92
C CYS B 127 -16.46 -22.27 3.77
N GLU B 128 -16.88 -22.54 2.54
CA GLU B 128 -17.35 -23.85 2.13
C GLU B 128 -16.50 -24.34 0.97
N PRO B 129 -16.32 -25.64 0.82
CA PRO B 129 -15.54 -26.14 -0.29
C PRO B 129 -16.27 -25.99 -1.62
N PRO B 130 -15.55 -26.09 -2.74
CA PRO B 130 -16.23 -26.02 -4.04
C PRO B 130 -17.27 -27.13 -4.19
N GLU B 131 -18.30 -26.84 -4.97
CA GLU B 131 -19.24 -27.88 -5.34
C GLU B 131 -18.52 -28.92 -6.19
N VAL B 132 -19.15 -30.10 -6.30
N VAL B 132 -19.09 -30.13 -6.22
CA VAL B 132 -18.53 -31.34 -6.80
CA VAL B 132 -18.50 -31.19 -7.02
C VAL B 132 -17.69 -31.20 -8.07
C VAL B 132 -18.50 -30.79 -8.48
N GLY B 133 -18.21 -30.49 -9.08
N GLY B 133 -17.36 -31.00 -9.13
CA GLY B 133 -17.50 -30.40 -10.35
CA GLY B 133 -17.14 -30.50 -10.47
C GLY B 133 -16.79 -29.09 -10.58
C GLY B 133 -16.31 -29.24 -10.46
N SER B 134 -16.55 -28.35 -9.50
CA SER B 134 -15.93 -27.04 -9.54
C SER B 134 -14.57 -27.04 -8.86
N ASP B 135 -13.76 -26.06 -9.22
CA ASP B 135 -12.41 -25.93 -8.71
C ASP B 135 -12.23 -24.74 -7.79
N CYS B 136 -13.26 -23.92 -7.63
CA CYS B 136 -13.20 -22.77 -6.75
C CYS B 136 -14.60 -22.53 -6.21
N THR B 137 -14.68 -21.65 -5.22
CA THR B 137 -15.97 -21.21 -4.74
CA THR B 137 -15.95 -21.19 -4.67
C THR B 137 -16.16 -19.75 -5.14
N THR B 138 -17.42 -19.33 -5.22
CA THR B 138 -17.75 -17.97 -5.62
C THR B 138 -18.62 -17.33 -4.53
N ILE B 139 -18.28 -16.09 -4.16
CA ILE B 139 -19.11 -15.26 -3.31
C ILE B 139 -19.74 -14.18 -4.18
N HIS B 140 -20.98 -13.87 -3.93
CA HIS B 140 -21.69 -12.83 -4.68
C HIS B 140 -21.82 -11.58 -3.81
N TYR B 141 -21.14 -10.51 -4.19
CA TYR B 141 -21.19 -9.26 -3.46
C TYR B 141 -22.09 -8.25 -4.16
N ASN B 142 -22.67 -7.33 -3.38
CA ASN B 142 -23.38 -6.17 -3.92
C ASN B 142 -22.80 -4.92 -3.28
N TYR B 143 -22.67 -3.85 -4.08
CA TYR B 143 -22.23 -2.54 -3.60
C TYR B 143 -23.44 -1.62 -3.64
N MET B 144 -23.78 -1.02 -2.48
CA MET B 144 -25.07 -0.37 -2.24
C MET B 144 -25.08 1.16 -2.34
N CYS B 145 -24.02 1.77 -2.86
CA CYS B 145 -23.97 3.21 -3.20
C CYS B 145 -23.12 3.35 -4.44
N TYR B 146 -23.35 4.42 -5.20
CA TYR B 146 -22.47 4.79 -6.29
C TYR B 146 -21.21 5.45 -5.74
N SER B 147 -20.09 5.28 -6.47
CA SER B 147 -18.87 6.01 -6.11
C SER B 147 -19.12 7.51 -6.01
N SER B 148 -20.03 8.04 -6.82
CA SER B 148 -20.30 9.46 -6.86
C SER B 148 -21.24 9.96 -5.77
N CYS B 149 -21.82 9.10 -4.91
CA CYS B 149 -22.89 9.55 -4.00
C CYS B 149 -22.42 10.67 -3.08
N MET B 150 -23.17 11.78 -3.08
CA MET B 150 -22.78 12.93 -2.29
C MET B 150 -22.99 12.62 -0.82
N GLY B 151 -22.07 13.09 0.02
CA GLY B 151 -22.11 12.81 1.43
C GLY B 151 -21.68 11.41 1.80
N GLY B 152 -21.38 10.55 0.82
CA GLY B 152 -20.89 9.21 1.02
C GLY B 152 -19.52 9.11 0.37
N MET B 153 -19.35 8.18 -0.57
CA MET B 153 -18.04 8.09 -1.24
C MET B 153 -17.60 9.37 -1.92
N ASN B 154 -18.55 10.15 -2.46
N ASN B 154 -18.54 10.12 -2.50
CA ASN B 154 -18.28 11.50 -2.96
CA ASN B 154 -18.28 11.49 -2.94
C ASN B 154 -17.15 11.51 -4.01
C ASN B 154 -17.24 11.56 -4.05
N ARG B 155 -17.26 10.58 -4.96
CA ARG B 155 -16.33 10.42 -6.09
C ARG B 155 -14.95 9.89 -5.68
N ARG B 156 -14.73 9.55 -4.42
CA ARG B 156 -13.43 9.04 -3.99
C ARG B 156 -13.33 7.55 -4.29
N PRO B 157 -12.23 7.08 -4.84
CA PRO B 157 -12.10 5.63 -5.09
CA PRO B 157 -12.08 5.64 -5.09
C PRO B 157 -11.96 4.84 -3.81
N ILE B 158 -12.44 3.60 -3.86
CA ILE B 158 -12.32 2.68 -2.73
C ILE B 158 -11.61 1.42 -3.19
N LEU B 159 -11.05 0.69 -2.20
CA LEU B 159 -10.61 -0.68 -2.37
C LEU B 159 -11.50 -1.59 -1.54
N THR B 160 -11.74 -2.79 -2.05
CA THR B 160 -12.27 -3.88 -1.24
C THR B 160 -11.11 -4.78 -0.83
N ILE B 161 -11.02 -5.09 0.45
CA ILE B 161 -10.02 -6.01 0.99
C ILE B 161 -10.75 -7.28 1.38
N ILE B 162 -10.31 -8.41 0.83
CA ILE B 162 -10.88 -9.71 1.16
C ILE B 162 -9.85 -10.45 2.00
N THR B 163 -10.24 -10.88 3.19
N THR B 163 -10.21 -10.84 3.21
CA THR B 163 -9.36 -11.55 4.12
CA THR B 163 -9.31 -11.59 4.05
C THR B 163 -9.87 -12.98 4.39
C THR B 163 -9.87 -12.97 4.33
N LEU B 164 -8.97 -13.95 4.26
CA LEU B 164 -9.23 -15.31 4.72
C LEU B 164 -8.79 -15.35 6.18
N GLU B 165 -9.69 -15.77 7.07
CA GLU B 165 -9.48 -15.72 8.51
C GLU B 165 -9.74 -17.07 9.15
N ASP B 166 -9.05 -17.34 10.26
CA ASP B 166 -9.39 -18.52 11.04
C ASP B 166 -10.62 -18.24 11.92
N SER B 167 -10.99 -19.22 12.75
CA SER B 167 -12.21 -19.06 13.53
C SER B 167 -12.11 -17.97 14.60
N SER B 168 -10.90 -17.56 14.99
CA SER B 168 -10.72 -16.43 15.91
C SER B 168 -10.61 -15.11 15.21
N GLY B 169 -10.59 -15.10 13.88
CA GLY B 169 -10.38 -13.86 13.15
C GLY B 169 -8.95 -13.56 12.81
N ASN B 170 -8.01 -14.48 13.08
CA ASN B 170 -6.62 -14.23 12.72
C ASN B 170 -6.43 -14.38 11.22
N LEU B 171 -5.46 -13.65 10.70
CA LEU B 171 -5.23 -13.59 9.26
C LEU B 171 -4.63 -14.87 8.72
N LEU B 172 -5.24 -15.41 7.65
CA LEU B 172 -4.65 -16.51 6.90
C LEU B 172 -4.27 -16.12 5.49
N GLY B 173 -4.90 -15.09 4.92
CA GLY B 173 -4.66 -14.70 3.53
C GLY B 173 -5.37 -13.40 3.27
N ARG B 174 -4.88 -12.67 2.27
CA ARG B 174 -5.44 -11.35 1.96
C ARG B 174 -5.25 -11.07 0.48
N ASP B 175 -6.26 -10.42 -0.11
CA ASP B 175 -6.20 -9.93 -1.48
C ASP B 175 -7.08 -8.68 -1.54
N SER B 176 -7.01 -7.95 -2.64
CA SER B 176 -7.77 -6.71 -2.71
C SER B 176 -7.92 -6.26 -4.15
N PHE B 177 -8.85 -5.32 -4.37
CA PHE B 177 -9.12 -4.77 -5.69
C PHE B 177 -9.81 -3.42 -5.52
N GLU B 178 -9.53 -2.51 -6.43
CA GLU B 178 -10.27 -1.25 -6.45
C GLU B 178 -11.67 -1.49 -6.98
N VAL B 179 -12.61 -0.64 -6.57
CA VAL B 179 -13.99 -0.71 -7.06
C VAL B 179 -14.45 0.67 -7.49
N ARG B 180 -15.16 0.72 -8.62
CA ARG B 180 -15.94 1.89 -9.01
C ARG B 180 -17.37 1.40 -9.22
N VAL B 181 -18.32 1.99 -8.49
CA VAL B 181 -19.74 1.69 -8.64
C VAL B 181 -20.32 2.82 -9.48
N CYS B 182 -20.87 2.48 -10.64
CA CYS B 182 -21.16 3.51 -11.63
C CYS B 182 -22.28 3.03 -12.55
N ALA B 183 -22.82 3.97 -13.34
CA ALA B 183 -23.98 3.64 -14.15
C ALA B 183 -23.61 2.77 -15.35
N CYS B 184 -22.42 2.96 -15.92
N CYS B 184 -22.41 2.97 -15.92
CA CYS B 184 -22.02 2.26 -17.14
CA CYS B 184 -22.00 2.28 -17.15
C CYS B 184 -20.63 1.67 -16.98
C CYS B 184 -20.61 1.68 -16.94
N PRO B 185 -20.52 0.53 -16.28
CA PRO B 185 -19.20 -0.09 -16.05
C PRO B 185 -18.41 -0.42 -17.31
N GLY B 186 -19.09 -0.85 -18.38
CA GLY B 186 -18.37 -1.22 -19.59
C GLY B 186 -17.68 -0.02 -20.22
N ARG B 187 -18.39 1.10 -20.36
CA ARG B 187 -17.78 2.31 -20.90
C ARG B 187 -16.68 2.82 -19.98
N ASP B 188 -16.90 2.78 -18.66
CA ASP B 188 -15.90 3.34 -17.76
C ASP B 188 -14.64 2.49 -17.73
N ARG B 189 -14.78 1.15 -17.77
CA ARG B 189 -13.60 0.31 -17.86
C ARG B 189 -12.82 0.60 -19.13
N ARG B 190 -13.52 0.75 -20.27
CA ARG B 190 -12.84 1.06 -21.52
C ARG B 190 -12.10 2.39 -21.46
N THR B 191 -12.74 3.41 -20.89
CA THR B 191 -12.12 4.73 -20.76
C THR B 191 -10.88 4.66 -19.88
N GLU B 192 -10.98 3.99 -18.74
CA GLU B 192 -9.86 3.96 -17.81
C GLU B 192 -8.72 3.12 -18.37
N GLU B 193 -9.03 2.01 -19.07
CA GLU B 193 -7.97 1.23 -19.70
C GLU B 193 -7.28 1.99 -20.84
N GLU B 194 -8.05 2.70 -21.66
CA GLU B 194 -7.46 3.53 -22.70
C GLU B 194 -6.56 4.60 -22.09
N ASN B 195 -7.01 5.20 -20.99
CA ASN B 195 -6.21 6.22 -20.32
C ASN B 195 -4.89 5.62 -19.83
N LEU B 196 -4.95 4.42 -19.26
CA LEU B 196 -3.75 3.76 -18.78
C LEU B 196 -2.79 3.45 -19.92
N ARG B 197 -3.32 3.03 -21.07
CA ARG B 197 -2.46 2.75 -22.22
C ARG B 197 -1.80 4.03 -22.73
N LYS B 198 -2.53 5.15 -22.71
CA LYS B 198 -1.97 6.42 -23.18
C LYS B 198 -0.91 6.97 -22.23
N LYS B 199 -0.86 6.48 -20.99
CA LYS B 199 0.08 6.96 -19.98
C LYS B 199 1.33 6.09 -19.93
#